data_5YAY
#
_entry.id   5YAY
#
_cell.length_a   38.043
_cell.length_b   52.080
_cell.length_c   136.095
_cell.angle_alpha   90.000
_cell.angle_beta   90.000
_cell.angle_gamma   90.000
#
_symmetry.space_group_name_H-M   'P 21 21 21'
#
loop_
_entity.id
_entity.type
_entity.pdbx_description
1 polymer 'KN motif and ankyrin repeat domains 1'
2 polymer 'Kinesin-like protein KIF21A'
3 water water
#
loop_
_entity_poly.entity_id
_entity_poly.type
_entity_poly.pdbx_seq_one_letter_code
_entity_poly.pdbx_strand_id
1 'polypeptide(L)'
;GPGSEFRERYELSEKMLSACNLLKYNIKDPKALASKDMRICLNTLQHDWFRVSSQKSAVPAMVGDYIAAFEAVSPDVLRY
IINMADGNGNTALHYSVSHSNFQIVKLLLDADVCNVDHQNKAGYTPIMLAALAAVEAEKDMQVVEELFSCGDVNAKASQA
GQTALMLAVSHGRIDMVKGLLACGADVNIQDDEGSTALMCASEHGHVEIVKLLLAQPGCNGHLEDNDGSTALSIALEAGH
KDIAVLLYAHLNFSKAQ
;
A
2 'polypeptide(L)' LMKLCGEVKPKNKARRRTTTQMELLYAD B
#
# COMPACT_ATOMS: atom_id res chain seq x y z
N ARG A 9 -15.96 25.19 -9.37
CA ARG A 9 -14.91 24.78 -8.46
C ARG A 9 -15.42 24.65 -7.03
N TYR A 10 -15.09 23.54 -6.37
CA TYR A 10 -15.53 23.29 -5.00
C TYR A 10 -14.74 24.15 -4.01
N GLU A 11 -15.41 24.66 -2.98
CA GLU A 11 -14.72 25.45 -1.97
C GLU A 11 -14.94 24.85 -0.58
N LEU A 12 -14.00 25.11 0.32
CA LEU A 12 -14.13 24.70 1.71
C LEU A 12 -15.34 25.38 2.35
N SER A 13 -15.98 24.71 3.30
CA SER A 13 -17.03 25.35 4.09
C SER A 13 -16.41 26.41 4.99
N GLU A 14 -17.22 27.36 5.48
CA GLU A 14 -16.74 28.36 6.43
C GLU A 14 -16.05 27.72 7.62
N LYS A 15 -16.69 26.71 8.17
CA LYS A 15 -16.17 25.99 9.32
C LYS A 15 -14.85 25.29 9.01
N MET A 16 -14.76 24.65 7.84
CA MET A 16 -13.54 23.99 7.44
C MET A 16 -12.40 24.98 7.26
N LEU A 17 -12.69 26.08 6.56
CA LEU A 17 -11.65 27.09 6.30
C LEU A 17 -11.18 27.63 7.63
N SER A 18 -12.13 27.78 8.55
CA SER A 18 -11.83 28.25 9.88
C SER A 18 -10.87 27.32 10.61
N ALA A 19 -11.16 26.02 10.54
CA ALA A 19 -10.32 25.02 11.18
C ALA A 19 -8.91 25.01 10.54
N CYS A 20 -8.84 25.18 9.22
CA CYS A 20 -7.54 25.24 8.55
C CYS A 20 -6.71 26.41 9.01
N ASN A 21 -7.35 27.55 9.26
CA ASN A 21 -6.62 28.74 9.66
C ASN A 21 -6.11 28.59 11.08
N LEU A 22 -6.93 27.98 11.92
CA LEU A 22 -6.54 27.70 13.28
C LEU A 22 -5.33 26.75 13.34
N LEU A 23 -5.33 25.73 12.47
CA LEU A 23 -4.19 24.83 12.37
C LEU A 23 -2.96 25.61 11.93
N LYS A 24 -3.12 26.49 10.94
CA LYS A 24 -2.00 27.28 10.42
C LYS A 24 -1.27 28.02 11.53
N TYR A 25 -2.03 28.67 12.40
CA TYR A 25 -1.44 29.46 13.49
C TYR A 25 -0.84 28.57 14.58
N ASN A 26 -1.24 27.31 14.63
CA ASN A 26 -0.84 26.43 15.72
C ASN A 26 0.12 25.32 15.33
N ILE A 27 0.36 25.17 14.04
CA ILE A 27 0.99 23.96 13.54
C ILE A 27 2.44 23.83 14.04
N LYS A 28 3.06 24.96 14.38
CA LYS A 28 4.45 24.96 14.82
C LYS A 28 4.59 24.86 16.34
N ASP A 29 3.46 24.89 17.04
CA ASP A 29 3.45 24.81 18.50
C ASP A 29 2.91 23.45 18.92
N PRO A 30 3.82 22.53 19.19
CA PRO A 30 3.53 21.11 19.46
C PRO A 30 2.55 20.91 20.62
N LYS A 31 2.74 21.61 21.71
CA LYS A 31 1.97 21.32 22.91
C LYS A 31 0.57 21.94 22.82
N ALA A 32 0.45 23.06 22.09
CA ALA A 32 -0.86 23.55 21.68
C ALA A 32 -1.55 22.58 20.73
N LEU A 33 -0.78 22.02 19.81
CA LEU A 33 -1.30 21.08 18.84
C LEU A 33 -1.88 19.85 19.51
N ALA A 34 -1.35 19.49 20.68
CA ALA A 34 -1.83 18.32 21.41
C ALA A 34 -2.89 18.66 22.45
N SER A 35 -3.22 19.94 22.59
CA SER A 35 -4.16 20.36 23.62
C SER A 35 -5.56 19.81 23.34
N LYS A 36 -6.29 19.56 24.41
CA LYS A 36 -7.63 19.00 24.29
C LYS A 36 -8.60 19.85 23.47
N ASP A 37 -8.52 21.17 23.62
CA ASP A 37 -9.37 22.05 22.84
C ASP A 37 -9.04 22.01 21.35
N MET A 38 -7.76 21.89 21.01
CA MET A 38 -7.33 21.82 19.60
C MET A 38 -7.87 20.58 18.92
N ARG A 39 -8.17 19.57 19.71
CA ARG A 39 -8.71 18.33 19.18
C ARG A 39 -10.05 18.49 18.47
N ILE A 40 -10.88 19.41 18.94
CA ILE A 40 -12.17 19.64 18.32
C ILE A 40 -11.94 20.20 16.91
N CYS A 41 -10.92 21.06 16.81
CA CYS A 41 -10.47 21.57 15.52
C CYS A 41 -9.99 20.43 14.61
N LEU A 42 -9.10 19.61 15.13
CA LEU A 42 -8.49 18.56 14.32
C LEU A 42 -9.58 17.58 13.91
N ASN A 43 -10.55 17.34 14.79
CA ASN A 43 -11.68 16.47 14.44
C ASN A 43 -12.51 17.00 13.28
N THR A 44 -12.73 18.30 13.24
CA THR A 44 -13.39 18.89 12.09
C THR A 44 -12.60 18.63 10.83
N LEU A 45 -11.30 18.88 10.88
CA LEU A 45 -10.47 18.65 9.70
C LEU A 45 -10.54 17.23 9.26
N GLN A 46 -10.38 16.31 10.22
CA GLN A 46 -10.36 14.88 9.88
C GLN A 46 -11.69 14.48 9.26
N HIS A 47 -12.79 14.90 9.87
CA HIS A 47 -14.10 14.51 9.38
C HIS A 47 -14.36 14.98 7.96
N ASP A 48 -14.10 16.24 7.67
CA ASP A 48 -14.39 16.79 6.36
CA ASP A 48 -14.42 16.79 6.35
C ASP A 48 -13.42 16.23 5.31
N TRP A 49 -12.17 16.12 5.69
CA TRP A 49 -11.19 15.60 4.74
C TRP A 49 -11.53 14.15 4.36
N PHE A 50 -11.82 13.29 5.33
CA PHE A 50 -12.16 11.91 4.94
C PHE A 50 -13.49 11.85 4.20
N ARG A 51 -14.43 12.73 4.52
CA ARG A 51 -15.69 12.76 3.78
C ARG A 51 -15.46 12.98 2.29
N VAL A 52 -14.56 13.89 1.95
CA VAL A 52 -14.40 14.25 0.56
C VAL A 52 -13.41 13.36 -0.18
N SER A 53 -12.47 12.74 0.53
CA SER A 53 -11.36 12.04 -0.15
C SER A 53 -11.46 10.55 -0.20
N SER A 54 -12.20 9.95 0.73
CA SER A 54 -11.96 8.56 1.05
C SER A 54 -13.09 7.58 0.78
N GLN A 55 -14.24 8.05 0.33
CA GLN A 55 -15.28 7.10 -0.08
CA GLN A 55 -15.30 7.14 -0.09
C GLN A 55 -15.05 6.64 -1.50
N LYS A 56 -15.65 5.50 -1.86
CA LYS A 56 -15.49 5.04 -3.20
C LYS A 56 -16.00 6.10 -4.17
N SER A 57 -17.01 6.90 -3.75
CA SER A 57 -17.63 7.89 -4.63
C SER A 57 -16.95 9.26 -4.64
N ALA A 58 -15.76 9.31 -4.04
CA ALA A 58 -15.05 10.58 -3.98
C ALA A 58 -14.86 11.13 -5.38
N VAL A 59 -14.98 12.45 -5.50
CA VAL A 59 -14.91 13.18 -6.76
C VAL A 59 -13.51 13.79 -6.92
N PRO A 60 -12.75 13.34 -7.93
CA PRO A 60 -11.36 13.82 -8.03
C PRO A 60 -11.24 15.34 -8.09
N ALA A 61 -12.11 16.03 -8.84
CA ALA A 61 -12.03 17.48 -8.93
C ALA A 61 -12.23 18.11 -7.56
N MET A 62 -13.06 17.51 -6.72
CA MET A 62 -13.28 18.05 -5.37
C MET A 62 -12.05 17.86 -4.50
N VAL A 63 -11.46 16.68 -4.56
CA VAL A 63 -10.23 16.46 -3.82
C VAL A 63 -9.14 17.42 -4.27
N GLY A 64 -9.02 17.62 -5.59
CA GLY A 64 -8.04 18.54 -6.14
C GLY A 64 -8.24 19.94 -5.65
N ASP A 65 -9.51 20.39 -5.67
CA ASP A 65 -9.86 21.73 -5.20
C ASP A 65 -9.51 21.88 -3.72
N TYR A 66 -9.78 20.85 -2.93
CA TYR A 66 -9.51 20.91 -1.49
C TYR A 66 -8.01 20.97 -1.21
N ILE A 67 -7.25 20.11 -1.87
CA ILE A 67 -5.79 20.15 -1.81
C ILE A 67 -5.24 21.55 -2.14
N ALA A 68 -5.72 22.14 -3.23
CA ALA A 68 -5.26 23.48 -3.64
C ALA A 68 -5.60 24.49 -2.54
N ALA A 69 -6.79 24.37 -1.96
CA ALA A 69 -7.22 25.30 -0.91
C ALA A 69 -6.41 25.15 0.39
N PHE A 70 -6.09 23.91 0.77
CA PHE A 70 -5.22 23.70 1.93
C PHE A 70 -3.85 24.33 1.68
N GLU A 71 -3.26 24.07 0.51
CA GLU A 71 -1.93 24.63 0.23
C GLU A 71 -1.95 26.17 0.23
N ALA A 72 -3.06 26.78 -0.17
CA ALA A 72 -3.19 28.23 -0.14
C ALA A 72 -3.24 28.77 1.30
N VAL A 73 -3.73 27.96 2.23
CA VAL A 73 -3.66 28.31 3.64
C VAL A 73 -2.18 28.25 4.04
N SER A 74 -1.54 27.11 3.74
CA SER A 74 -0.12 26.93 4.02
C SER A 74 0.33 25.58 3.47
N PRO A 75 1.55 25.51 2.92
CA PRO A 75 2.05 24.19 2.56
C PRO A 75 2.09 23.25 3.76
N ASP A 76 2.34 23.76 4.97
CA ASP A 76 2.39 22.87 6.13
C ASP A 76 1.01 22.38 6.50
N VAL A 77 0.00 23.20 6.29
CA VAL A 77 -1.37 22.75 6.55
C VAL A 77 -1.77 21.65 5.54
N LEU A 78 -1.41 21.83 4.28
CA LEU A 78 -1.63 20.77 3.30
C LEU A 78 -0.96 19.49 3.77
N ARG A 79 0.32 19.55 4.13
CA ARG A 79 1.03 18.33 4.55
C ARG A 79 0.37 17.67 5.76
N TYR A 80 -0.09 18.47 6.70
CA TYR A 80 -0.70 17.93 7.90
C TYR A 80 -1.99 17.19 7.57
N ILE A 81 -2.88 17.86 6.83
CA ILE A 81 -4.21 17.27 6.59
C ILE A 81 -4.14 16.03 5.71
N ILE A 82 -3.39 16.10 4.60
CA ILE A 82 -3.47 14.94 3.71
C ILE A 82 -2.74 13.74 4.32
N ASN A 83 -1.94 13.93 5.37
CA ASN A 83 -1.35 12.76 6.06
C ASN A 83 -2.10 12.32 7.29
N MET A 84 -3.24 12.94 7.61
CA MET A 84 -4.07 12.51 8.73
C MET A 84 -4.51 11.06 8.57
N ALA A 85 -4.52 10.36 9.70
CA ALA A 85 -5.03 8.98 9.73
C ALA A 85 -6.23 8.92 10.63
N ASP A 86 -7.19 8.10 10.24
CA ASP A 86 -8.43 8.00 11.01
C ASP A 86 -8.27 6.96 12.11
N GLY A 87 -9.38 6.60 12.77
CA GLY A 87 -9.33 5.67 13.88
C GLY A 87 -8.88 4.27 13.50
N ASN A 88 -8.91 3.96 12.20
CA ASN A 88 -8.39 2.69 11.69
C ASN A 88 -6.92 2.79 11.27
N GLY A 89 -6.31 3.95 11.52
CA GLY A 89 -4.95 4.20 11.03
C GLY A 89 -4.81 4.43 9.54
N ASN A 90 -5.93 4.56 8.86
CA ASN A 90 -5.96 4.74 7.41
C ASN A 90 -5.85 6.21 7.02
N THR A 91 -5.02 6.46 6.02
CA THR A 91 -4.93 7.76 5.36
C THR A 91 -5.83 7.78 4.13
N ALA A 92 -6.03 8.96 3.60
CA ALA A 92 -6.75 9.04 2.32
C ALA A 92 -6.06 8.22 1.23
N LEU A 93 -4.74 8.06 1.30
CA LEU A 93 -4.01 7.25 0.32
C LEU A 93 -4.43 5.79 0.51
N HIS A 94 -4.54 5.32 1.75
CA HIS A 94 -5.02 3.94 1.92
C HIS A 94 -6.40 3.72 1.28
N TYR A 95 -7.33 4.61 1.58
CA TYR A 95 -8.70 4.43 1.05
C TYR A 95 -8.75 4.59 -0.45
N SER A 96 -8.05 5.58 -0.99
CA SER A 96 -8.13 5.75 -2.44
C SER A 96 -7.47 4.61 -3.21
N VAL A 97 -6.39 4.03 -2.67
CA VAL A 97 -5.82 2.83 -3.29
C VAL A 97 -6.80 1.68 -3.16
N SER A 98 -7.33 1.48 -1.97
CA SER A 98 -8.23 0.32 -1.76
C SER A 98 -9.44 0.40 -2.72
N HIS A 99 -9.92 1.62 -2.96
CA HIS A 99 -11.08 1.84 -3.84
C HIS A 99 -10.74 1.89 -5.33
N SER A 100 -9.45 1.71 -5.67
CA SER A 100 -8.95 1.84 -7.04
C SER A 100 -9.32 3.20 -7.62
N ASN A 101 -9.31 4.25 -6.76
CA ASN A 101 -9.56 5.61 -7.22
C ASN A 101 -8.23 6.22 -7.59
N PHE A 102 -7.71 5.76 -8.71
CA PHE A 102 -6.34 6.16 -9.04
C PHE A 102 -6.16 7.57 -9.51
N GLN A 103 -7.23 8.24 -9.95
CA GLN A 103 -7.09 9.68 -10.20
C GLN A 103 -6.81 10.40 -8.86
N ILE A 104 -7.47 9.98 -7.81
CA ILE A 104 -7.26 10.60 -6.50
C ILE A 104 -5.90 10.18 -5.96
N VAL A 105 -5.51 8.90 -6.13
CA VAL A 105 -4.15 8.53 -5.75
C VAL A 105 -3.11 9.44 -6.40
N LYS A 106 -3.27 9.72 -7.70
CA LYS A 106 -2.35 10.57 -8.43
C LYS A 106 -2.32 12.00 -7.84
N LEU A 107 -3.49 12.55 -7.52
CA LEU A 107 -3.56 13.89 -6.90
C LEU A 107 -2.81 13.92 -5.57
N LEU A 108 -2.97 12.87 -4.76
CA LEU A 108 -2.26 12.81 -3.48
C LEU A 108 -0.76 12.70 -3.68
N LEU A 109 -0.33 11.84 -4.62
CA LEU A 109 1.10 11.74 -4.86
C LEU A 109 1.66 13.03 -5.35
N ASP A 110 0.92 13.71 -6.22
CA ASP A 110 1.46 14.91 -6.85
C ASP A 110 1.50 16.08 -5.91
N ALA A 111 0.82 15.97 -4.77
CA ALA A 111 0.92 17.01 -3.76
C ALA A 111 2.29 16.99 -3.11
N ASP A 112 3.01 15.87 -3.32
CA ASP A 112 4.44 15.73 -2.98
C ASP A 112 4.73 15.83 -1.49
N VAL A 113 3.77 15.43 -0.65
CA VAL A 113 4.01 15.46 0.79
C VAL A 113 3.37 14.27 1.53
N CYS A 114 2.81 13.29 0.78
CA CYS A 114 2.34 12.02 1.35
C CYS A 114 3.37 11.15 2.03
N ASN A 115 3.06 10.68 3.23
CA ASN A 115 3.83 9.57 3.78
C ASN A 115 3.24 8.25 3.28
N VAL A 116 3.83 7.74 2.19
CA VAL A 116 3.34 6.52 1.54
C VAL A 116 3.65 5.23 2.32
N ASP A 117 4.46 5.32 3.36
CA ASP A 117 4.85 4.12 4.10
C ASP A 117 4.05 3.97 5.40
N HIS A 118 3.01 4.76 5.59
CA HIS A 118 2.26 4.70 6.84
C HIS A 118 1.53 3.38 6.95
N GLN A 119 1.76 2.63 8.03
CA GLN A 119 0.97 1.42 8.33
C GLN A 119 -0.31 1.76 9.05
N ASN A 120 -1.39 1.19 8.57
CA ASN A 120 -2.67 1.35 9.25
C ASN A 120 -2.74 0.41 10.43
N LYS A 121 -3.85 0.40 11.15
CA LYS A 121 -3.92 -0.42 12.35
C LYS A 121 -3.86 -1.92 12.04
N ALA A 122 -4.32 -2.30 10.87
CA ALA A 122 -4.20 -3.67 10.39
C ALA A 122 -2.73 -4.07 10.12
N GLY A 123 -1.88 -3.06 9.92
CA GLY A 123 -0.45 -3.30 9.76
C GLY A 123 0.08 -3.14 8.34
N TYR A 124 -0.72 -2.56 7.45
CA TYR A 124 -0.36 -2.53 6.04
C TYR A 124 -0.16 -1.13 5.51
N THR A 125 0.76 -1.00 4.57
CA THR A 125 1.00 0.29 3.90
C THR A 125 0.14 0.42 2.63
N PRO A 126 0.05 1.63 2.06
CA PRO A 126 -0.73 1.76 0.81
C PRO A 126 -0.13 0.95 -0.34
N ILE A 127 1.19 0.77 -0.38
CA ILE A 127 1.80 -0.10 -1.41
C ILE A 127 1.32 -1.54 -1.29
N MET A 128 1.14 -2.04 -0.06
CA MET A 128 0.60 -3.39 0.13
C MET A 128 -0.85 -3.46 -0.30
N LEU A 129 -1.63 -2.42 0.00
CA LEU A 129 -3.02 -2.42 -0.44
C LEU A 129 -3.07 -2.42 -1.97
N ALA A 130 -2.15 -1.70 -2.61
CA ALA A 130 -2.19 -1.64 -4.07
C ALA A 130 -2.00 -3.01 -4.67
N ALA A 131 -1.20 -3.83 -4.03
CA ALA A 131 -0.92 -5.18 -4.57
C ALA A 131 -2.19 -6.01 -4.75
N LEU A 132 -3.27 -5.73 -4.01
CA LEU A 132 -4.53 -6.44 -4.20
C LEU A 132 -5.64 -5.62 -4.88
N ALA A 133 -5.35 -4.36 -5.17
CA ALA A 133 -6.35 -3.50 -5.74
C ALA A 133 -6.66 -3.82 -7.20
N ALA A 134 -7.92 -3.68 -7.59
CA ALA A 134 -8.30 -3.84 -8.97
C ALA A 134 -7.62 -2.79 -9.85
N VAL A 135 -7.10 -3.21 -11.01
CA VAL A 135 -6.53 -2.24 -11.93
C VAL A 135 -7.12 -2.58 -13.28
N GLU A 136 -7.94 -1.70 -13.83
CA GLU A 136 -8.70 -2.11 -14.99
C GLU A 136 -8.13 -1.58 -16.30
N ALA A 137 -7.20 -0.64 -16.21
CA ALA A 137 -6.55 -0.07 -17.38
C ALA A 137 -5.05 0.02 -17.15
N GLU A 138 -4.25 -0.13 -18.20
CA GLU A 138 -2.80 0.01 -18.04
C GLU A 138 -2.43 1.41 -17.53
N LYS A 139 -3.20 2.42 -17.90
CA LYS A 139 -2.97 3.75 -17.29
C LYS A 139 -3.12 3.81 -15.75
N ASP A 140 -3.94 2.93 -15.18
CA ASP A 140 -4.05 2.93 -13.74
C ASP A 140 -2.79 2.29 -13.18
N MET A 141 -2.24 1.36 -13.92
CA MET A 141 -1.02 0.72 -13.47
C MET A 141 0.14 1.73 -13.45
N GLN A 142 0.10 2.75 -14.31
CA GLN A 142 1.12 3.80 -14.27
C GLN A 142 1.07 4.51 -12.92
N VAL A 143 -0.13 4.77 -12.42
CA VAL A 143 -0.24 5.41 -11.09
C VAL A 143 0.24 4.49 -9.98
N VAL A 144 -0.10 3.20 -10.09
CA VAL A 144 0.36 2.19 -9.11
C VAL A 144 1.90 2.17 -9.12
N GLU A 145 2.52 2.21 -10.30
CA GLU A 145 4.00 2.17 -10.31
C GLU A 145 4.61 3.46 -9.77
N GLU A 146 3.92 4.59 -9.92
CA GLU A 146 4.41 5.82 -9.30
CA GLU A 146 4.39 5.83 -9.30
C GLU A 146 4.34 5.71 -7.77
N LEU A 147 3.27 5.13 -7.28
CA LEU A 147 3.15 4.85 -5.87
C LEU A 147 4.29 3.96 -5.39
N PHE A 148 4.52 2.85 -6.10
CA PHE A 148 5.62 1.95 -5.75
C PHE A 148 6.94 2.69 -5.67
N SER A 149 7.15 3.71 -6.51
CA SER A 149 8.43 4.44 -6.53
C SER A 149 8.53 5.59 -5.51
N CYS A 150 7.47 5.86 -4.79
CA CYS A 150 7.36 6.94 -3.85
C CYS A 150 7.56 6.42 -2.44
N GLY A 151 7.44 5.12 -2.28
CA GLY A 151 7.54 4.55 -0.96
C GLY A 151 8.44 3.33 -0.94
N ASP A 152 8.36 2.58 0.15
CA ASP A 152 9.22 1.41 0.31
C ASP A 152 8.53 0.13 -0.14
N VAL A 153 8.90 -0.34 -1.32
CA VAL A 153 8.24 -1.52 -1.87
C VAL A 153 8.62 -2.73 -1.05
N ASN A 154 9.70 -2.66 -0.31
CA ASN A 154 10.14 -3.82 0.47
C ASN A 154 9.66 -3.86 1.90
N ALA A 155 8.76 -2.93 2.26
CA ALA A 155 8.28 -2.88 3.64
C ALA A 155 7.59 -4.18 4.00
N LYS A 156 7.66 -4.53 5.29
CA LYS A 156 7.03 -5.76 5.78
C LYS A 156 5.86 -5.39 6.67
N ALA A 157 4.72 -6.03 6.42
CA ALA A 157 3.53 -5.81 7.21
C ALA A 157 3.67 -6.21 8.67
N SER A 158 2.92 -5.57 9.56
CA SER A 158 2.98 -5.98 10.95
C SER A 158 2.41 -7.40 11.11
N GLN A 159 1.44 -7.76 10.28
CA GLN A 159 0.94 -9.14 10.28
C GLN A 159 1.81 -10.05 9.42
N ALA A 160 2.57 -10.89 10.11
CA ALA A 160 3.41 -11.94 9.54
C ALA A 160 4.61 -11.45 8.77
N GLY A 161 4.83 -10.13 8.66
CA GLY A 161 6.01 -9.62 7.95
C GLY A 161 5.95 -9.81 6.45
N GLN A 162 4.76 -9.91 5.88
CA GLN A 162 4.66 -10.05 4.42
C GLN A 162 4.88 -8.76 3.67
N THR A 163 5.42 -8.90 2.47
CA THR A 163 5.62 -7.78 1.55
C THR A 163 4.50 -7.69 0.55
N ALA A 164 4.43 -6.54 -0.12
CA ALA A 164 3.52 -6.39 -1.25
C ALA A 164 3.75 -7.50 -2.30
N LEU A 165 5.01 -7.79 -2.57
CA LEU A 165 5.31 -8.83 -3.59
C LEU A 165 4.70 -10.15 -3.16
N MET A 166 4.87 -10.51 -1.88
CA MET A 166 4.24 -11.78 -1.41
C MET A 166 2.72 -11.76 -1.55
N LEU A 167 2.10 -10.61 -1.22
CA LEU A 167 0.66 -10.49 -1.37
C LEU A 167 0.19 -10.67 -2.80
N ALA A 168 0.89 -10.02 -3.73
CA ALA A 168 0.52 -10.10 -5.14
C ALA A 168 0.70 -11.51 -5.66
N VAL A 169 1.82 -12.12 -5.30
CA VAL A 169 2.10 -13.49 -5.72
C VAL A 169 1.03 -14.43 -5.17
N SER A 170 0.66 -14.27 -3.91
CA SER A 170 -0.33 -15.18 -3.30
C SER A 170 -1.72 -15.09 -3.94
N HIS A 171 -2.03 -13.98 -4.59
CA HIS A 171 -3.27 -13.79 -5.30
C HIS A 171 -3.15 -14.07 -6.80
N GLY A 172 -1.97 -14.51 -7.22
CA GLY A 172 -1.68 -14.83 -8.61
C GLY A 172 -1.75 -13.64 -9.56
N ARG A 173 -1.46 -12.45 -9.04
CA ARG A 173 -1.52 -11.22 -9.83
CA ARG A 173 -1.54 -11.23 -9.85
C ARG A 173 -0.24 -10.97 -10.61
N ILE A 174 -0.16 -11.59 -11.78
CA ILE A 174 1.01 -11.48 -12.66
C ILE A 174 1.33 -9.99 -12.96
N ASP A 175 0.27 -9.19 -13.20
CA ASP A 175 0.44 -7.77 -13.49
C ASP A 175 1.18 -7.02 -12.37
N MET A 176 0.76 -7.25 -11.15
CA MET A 176 1.32 -6.59 -9.99
C MET A 176 2.71 -7.07 -9.71
N VAL A 177 2.93 -8.36 -9.96
CA VAL A 177 4.24 -8.91 -9.72
C VAL A 177 5.24 -8.26 -10.68
N LYS A 178 4.83 -8.14 -11.95
CA LYS A 178 5.69 -7.49 -12.95
C LYS A 178 5.95 -6.04 -12.54
N GLY A 179 4.90 -5.35 -12.09
CA GLY A 179 5.03 -3.96 -11.65
C GLY A 179 5.97 -3.80 -10.47
N LEU A 180 5.80 -4.63 -9.46
CA LEU A 180 6.64 -4.54 -8.30
C LEU A 180 8.09 -4.85 -8.64
N LEU A 181 8.34 -5.86 -9.47
CA LEU A 181 9.72 -6.18 -9.82
C LEU A 181 10.33 -5.01 -10.61
N ALA A 182 9.53 -4.40 -11.48
CA ALA A 182 10.04 -3.30 -12.31
C ALA A 182 10.34 -2.08 -11.46
N CYS A 183 9.69 -1.98 -10.30
CA CYS A 183 9.94 -0.87 -9.40
C CYS A 183 10.85 -1.23 -8.24
N GLY A 184 11.65 -2.28 -8.40
CA GLY A 184 12.74 -2.52 -7.48
C GLY A 184 12.43 -3.39 -6.27
N ALA A 185 11.37 -4.19 -6.31
CA ALA A 185 11.12 -5.08 -5.20
C ALA A 185 12.20 -6.15 -5.11
N ASP A 186 12.63 -6.46 -3.88
CA ASP A 186 13.62 -7.48 -3.61
C ASP A 186 12.96 -8.86 -3.55
N VAL A 187 13.32 -9.75 -4.47
CA VAL A 187 12.58 -11.02 -4.49
C VAL A 187 12.92 -11.91 -3.32
N ASN A 188 14.02 -11.64 -2.62
CA ASN A 188 14.51 -12.56 -1.60
C ASN A 188 14.11 -12.26 -0.16
N ILE A 189 13.29 -11.23 0.02
CA ILE A 189 12.82 -10.88 1.37
CA ILE A 189 12.88 -10.92 1.38
C ILE A 189 12.06 -12.08 1.95
N GLN A 190 12.28 -12.36 3.25
CA GLN A 190 11.54 -13.43 3.93
C GLN A 190 10.59 -12.84 4.97
N ASP A 191 9.39 -13.42 5.09
CA ASP A 191 8.44 -12.98 6.10
C ASP A 191 8.86 -13.53 7.45
N ASP A 192 8.04 -13.29 8.48
CA ASP A 192 8.36 -13.68 9.85
C ASP A 192 8.58 -15.18 10.00
N GLU A 193 7.95 -15.96 9.12
CA GLU A 193 8.09 -17.44 9.12
C GLU A 193 9.21 -17.94 8.20
N GLY A 194 9.91 -17.01 7.59
CA GLY A 194 10.98 -17.32 6.65
C GLY A 194 10.54 -17.60 5.22
N SER A 195 9.29 -17.31 4.86
CA SER A 195 8.81 -17.59 3.50
C SER A 195 9.18 -16.47 2.55
N THR A 196 9.60 -16.87 1.35
CA THR A 196 9.83 -15.97 0.24
C THR A 196 8.66 -15.92 -0.71
N ALA A 197 8.69 -14.92 -1.60
CA ALA A 197 7.71 -14.82 -2.68
C ALA A 197 7.71 -16.10 -3.52
N LEU A 198 8.89 -16.63 -3.82
CA LEU A 198 8.99 -17.87 -4.60
C LEU A 198 8.27 -19.01 -3.88
N MET A 199 8.43 -19.12 -2.56
CA MET A 199 7.69 -20.13 -1.80
C MET A 199 6.16 -19.91 -1.86
N CYS A 200 5.75 -18.64 -1.84
CA CYS A 200 4.32 -18.32 -1.95
C CYS A 200 3.80 -18.82 -3.32
N ALA A 201 4.55 -18.52 -4.37
CA ALA A 201 4.18 -18.98 -5.71
C ALA A 201 4.13 -20.49 -5.82
N SER A 202 5.07 -21.18 -5.16
CA SER A 202 5.11 -22.65 -5.15
C SER A 202 3.90 -23.25 -4.46
N GLU A 203 3.48 -22.66 -3.34
CA GLU A 203 2.25 -23.12 -2.68
C GLU A 203 1.03 -23.04 -3.60
N HIS A 204 0.93 -21.98 -4.39
CA HIS A 204 -0.31 -21.69 -5.13
C HIS A 204 -0.31 -22.29 -6.52
N GLY A 205 0.85 -22.75 -6.97
CA GLY A 205 0.95 -23.37 -8.27
C GLY A 205 0.99 -22.35 -9.40
N HIS A 206 1.51 -21.17 -9.14
CA HIS A 206 1.48 -20.12 -10.15
C HIS A 206 2.72 -20.17 -11.01
N VAL A 207 2.63 -20.94 -12.09
CA VAL A 207 3.77 -21.26 -12.94
C VAL A 207 4.42 -20.03 -13.54
N GLU A 208 3.61 -19.16 -14.14
CA GLU A 208 4.20 -18.01 -14.82
C GLU A 208 4.87 -17.07 -13.83
N ILE A 209 4.29 -16.94 -12.64
CA ILE A 209 4.90 -16.10 -11.59
C ILE A 209 6.22 -16.71 -11.11
N VAL A 210 6.25 -18.04 -10.99
CA VAL A 210 7.54 -18.66 -10.66
C VAL A 210 8.59 -18.30 -11.71
N LYS A 211 8.24 -18.33 -12.99
CA LYS A 211 9.24 -18.02 -14.03
C LYS A 211 9.72 -16.57 -13.94
N LEU A 212 8.79 -15.67 -13.65
CA LEU A 212 9.12 -14.27 -13.49
C LEU A 212 10.09 -14.06 -12.32
N LEU A 213 9.83 -14.73 -11.20
CA LEU A 213 10.69 -14.55 -10.02
C LEU A 213 12.05 -15.15 -10.29
N LEU A 214 12.08 -16.33 -10.92
CA LEU A 214 13.36 -17.00 -11.19
C LEU A 214 14.19 -16.21 -12.19
N ALA A 215 13.53 -15.45 -13.04
CA ALA A 215 14.23 -14.65 -14.03
C ALA A 215 14.89 -13.41 -13.43
N GLN A 216 14.57 -13.05 -12.19
CA GLN A 216 15.17 -11.86 -11.57
C GLN A 216 16.61 -12.10 -11.18
N PRO A 217 17.51 -11.16 -11.52
CA PRO A 217 18.91 -11.31 -11.11
C PRO A 217 19.03 -11.49 -9.61
N GLY A 218 19.74 -12.54 -9.19
CA GLY A 218 19.96 -12.79 -7.78
C GLY A 218 18.85 -13.53 -7.04
N CYS A 219 17.82 -13.98 -7.74
CA CYS A 219 16.79 -14.81 -7.10
C CYS A 219 17.40 -16.05 -6.45
N ASN A 220 17.14 -16.23 -5.16
CA ASN A 220 17.77 -17.28 -4.41
C ASN A 220 16.78 -18.42 -4.10
N GLY A 221 16.84 -19.46 -4.92
CA GLY A 221 15.96 -20.61 -4.76
C GLY A 221 16.33 -21.53 -3.61
N HIS A 222 17.49 -21.29 -2.99
CA HIS A 222 17.96 -22.14 -1.91
C HIS A 222 17.47 -21.77 -0.52
N LEU A 223 16.83 -20.59 -0.38
CA LEU A 223 16.45 -20.10 0.93
C LEU A 223 15.49 -21.06 1.59
N GLU A 224 15.59 -21.19 2.90
CA GLU A 224 14.70 -22.06 3.67
C GLU A 224 13.85 -21.22 4.59
N ASP A 225 12.63 -21.67 4.86
CA ASP A 225 11.82 -21.01 5.88
C ASP A 225 12.28 -21.51 7.24
N ASN A 226 11.60 -21.11 8.31
CA ASN A 226 12.09 -21.44 9.63
C ASN A 226 12.03 -22.94 9.95
N ASP A 227 11.37 -23.74 9.11
CA ASP A 227 11.29 -25.19 9.35
C ASP A 227 12.21 -25.95 8.40
N GLY A 228 12.93 -25.21 7.58
CA GLY A 228 13.83 -25.80 6.61
C GLY A 228 13.18 -26.21 5.31
N SER A 229 11.98 -25.71 5.02
CA SER A 229 11.35 -25.99 3.72
C SER A 229 11.92 -25.07 2.64
N THR A 230 12.00 -25.57 1.42
CA THR A 230 12.41 -24.76 0.28
C THR A 230 11.29 -24.65 -0.73
N ALA A 231 11.44 -23.73 -1.67
CA ALA A 231 10.42 -23.59 -2.73
C ALA A 231 10.22 -24.95 -3.43
N LEU A 232 11.32 -25.69 -3.65
CA LEU A 232 11.25 -26.98 -4.29
C LEU A 232 10.43 -28.00 -3.48
N SER A 233 10.70 -28.09 -2.19
CA SER A 233 9.99 -29.07 -1.39
C SER A 233 8.53 -28.68 -1.23
N ILE A 234 8.28 -27.38 -1.15
CA ILE A 234 6.92 -26.86 -1.02
C ILE A 234 6.11 -27.21 -2.25
N ALA A 235 6.71 -27.01 -3.42
CA ALA A 235 6.05 -27.27 -4.69
C ALA A 235 5.63 -28.73 -4.83
N LEU A 236 6.56 -29.66 -4.57
CA LEU A 236 6.24 -31.08 -4.59
C LEU A 236 5.09 -31.42 -3.64
N GLU A 237 5.17 -30.90 -2.43
CA GLU A 237 4.20 -31.23 -1.39
C GLU A 237 2.79 -30.67 -1.69
N ALA A 238 2.74 -29.55 -2.40
CA ALA A 238 1.48 -28.90 -2.76
C ALA A 238 0.95 -29.48 -4.07
N GLY A 239 1.65 -30.48 -4.58
CA GLY A 239 1.26 -31.18 -5.79
C GLY A 239 1.50 -30.41 -7.08
N HIS A 240 2.58 -29.64 -7.13
CA HIS A 240 2.86 -28.84 -8.30
C HIS A 240 4.19 -29.25 -8.90
N LYS A 241 4.18 -30.46 -9.46
CA LYS A 241 5.41 -31.06 -9.95
C LYS A 241 6.04 -30.23 -11.06
N ASP A 242 5.23 -29.53 -11.84
CA ASP A 242 5.76 -28.71 -12.93
C ASP A 242 6.64 -27.57 -12.40
N ILE A 243 6.20 -26.92 -11.33
CA ILE A 243 7.01 -25.90 -10.67
C ILE A 243 8.27 -26.53 -10.06
N ALA A 244 8.13 -27.74 -9.51
CA ALA A 244 9.27 -28.41 -8.89
C ALA A 244 10.37 -28.66 -9.92
N VAL A 245 9.95 -29.06 -11.12
CA VAL A 245 10.92 -29.32 -12.20
C VAL A 245 11.59 -28.02 -12.59
N LEU A 246 10.79 -26.95 -12.63
CA LEU A 246 11.30 -25.63 -12.94
C LEU A 246 12.34 -25.18 -11.90
N LEU A 247 12.00 -25.38 -10.64
CA LEU A 247 12.91 -25.00 -9.57
C LEU A 247 14.21 -25.79 -9.66
N TYR A 248 14.09 -27.11 -9.84
CA TYR A 248 15.26 -27.96 -9.92
C TYR A 248 16.18 -27.46 -11.04
N ALA A 249 15.58 -27.15 -12.18
CA ALA A 249 16.32 -26.72 -13.34
C ALA A 249 17.09 -25.45 -13.05
N HIS A 250 16.45 -24.52 -12.34
CA HIS A 250 17.08 -23.25 -11.99
C HIS A 250 18.19 -23.40 -10.94
N LEU A 251 17.97 -24.28 -9.97
CA LEU A 251 18.93 -24.46 -8.88
C LEU A 251 20.18 -25.22 -9.30
N ASN A 252 20.06 -26.02 -10.35
CA ASN A 252 21.15 -26.88 -10.76
C ASN A 252 21.59 -26.58 -12.19
N LYS B 13 0.67 -21.42 7.77
CA LYS B 13 1.73 -20.50 7.38
C LYS B 13 1.15 -19.33 6.58
N ALA B 14 1.66 -18.12 6.80
CA ALA B 14 1.16 -16.95 6.08
C ALA B 14 1.20 -17.12 4.57
N ARG B 15 2.24 -17.78 4.08
CA ARG B 15 2.39 -17.99 2.65
C ARG B 15 1.29 -18.84 2.04
N ARG B 16 0.54 -19.57 2.87
CA ARG B 16 -0.57 -20.38 2.39
C ARG B 16 -1.89 -19.69 2.54
N ARG B 17 -1.95 -18.68 3.41
CA ARG B 17 -3.24 -18.10 3.77
C ARG B 17 -3.66 -17.08 2.72
N THR B 18 -4.97 -16.88 2.62
CA THR B 18 -5.53 -15.86 1.74
C THR B 18 -5.76 -14.60 2.57
N THR B 19 -5.42 -13.45 2.01
CA THR B 19 -5.73 -12.17 2.64
C THR B 19 -6.67 -11.44 1.72
N THR B 20 -7.72 -10.84 2.27
CA THR B 20 -8.71 -10.11 1.46
C THR B 20 -8.44 -8.61 1.47
N GLN B 21 -9.05 -7.90 0.52
CA GLN B 21 -8.90 -6.45 0.51
C GLN B 21 -9.41 -5.85 1.82
N MET B 22 -10.52 -6.36 2.37
CA MET B 22 -11.00 -5.80 3.63
C MET B 22 -10.08 -6.05 4.80
N GLU B 23 -9.40 -7.18 4.79
CA GLU B 23 -8.43 -7.47 5.84
C GLU B 23 -7.21 -6.57 5.77
N LEU B 24 -6.87 -6.09 4.56
CA LEU B 24 -5.75 -5.15 4.46
C LEU B 24 -6.16 -3.78 5.00
N LEU B 25 -7.44 -3.46 4.84
CA LEU B 25 -7.90 -2.11 5.15
C LEU B 25 -8.30 -1.96 6.60
N TYR B 26 -8.85 -2.99 7.21
CA TYR B 26 -9.41 -2.89 8.57
C TYR B 26 -8.91 -4.01 9.47
N ALA B 27 -8.54 -3.63 10.69
CA ALA B 27 -8.04 -4.60 11.67
C ALA B 27 -9.17 -5.40 12.35
#